data_5B4N
#
_entry.id   5B4N
#
_cell.length_a   44.541
_cell.length_b   96.203
_cell.length_c   44.681
_cell.angle_alpha   90.00
_cell.angle_beta   101.90
_cell.angle_gamma   90.00
#
_symmetry.space_group_name_H-M   'P 1 21 1'
#
loop_
_entity.id
_entity.type
_entity.pdbx_description
1 polymer 'F-box only protein 2'
2 water water
#
_entity_poly.entity_id   1
_entity_poly.type   'polypeptide(L)'
_entity_poly.pdbx_seq_one_letter_code
;MGSSHHHHHHSSGLVPRGSHMFYFLSKRRRNLLRNPCGEEDLEGWSLDVNGGDGWKVEELSRDQRKEFPNDQVKKYFVTS
YYTCRKAQVIDLQAEGYWEELLDTTQPAIVVKDWYSGRPDCGSKYQLTVRLLSENEDVLAEFQPDPATIQQKSDAKWREI
SHTFIDYGPGVRFVRFEHGGVDTHYWAGWYGPRVTNSSVWVEP
;
_entity_poly.pdbx_strand_id   A,B
#
# COMPACT_ATOMS: atom_id res chain seq x y z
N ARG A 30 -6.86 -13.99 -12.53
CA ARG A 30 -6.58 -15.34 -12.01
C ARG A 30 -5.91 -15.27 -10.60
N ASN A 31 -6.74 -15.54 -9.61
CA ASN A 31 -6.38 -15.48 -8.20
C ASN A 31 -5.57 -16.70 -7.84
N LEU A 32 -4.36 -16.43 -7.37
CA LEU A 32 -3.40 -17.41 -7.09
C LEU A 32 -3.57 -18.00 -5.67
N LEU A 33 -4.35 -17.34 -4.81
CA LEU A 33 -4.64 -17.91 -3.51
C LEU A 33 -5.69 -19.02 -3.63
N ARG A 34 -5.43 -20.10 -2.89
CA ARG A 34 -6.39 -21.19 -2.74
C ARG A 34 -7.51 -20.81 -1.74
N ASN A 35 -8.77 -21.15 -2.06
CA ASN A 35 -9.87 -21.13 -1.07
C ASN A 35 -10.04 -19.71 -0.42
N PRO A 36 -10.22 -18.68 -1.25
CA PRO A 36 -10.19 -17.29 -0.76
C PRO A 36 -11.25 -16.99 0.29
N CYS A 37 -12.41 -17.64 0.18
CA CYS A 37 -13.59 -17.29 0.98
C CYS A 37 -14.05 -18.36 1.94
N GLY A 38 -13.40 -19.51 1.99
CA GLY A 38 -13.93 -20.61 2.81
C GLY A 38 -14.84 -21.65 2.15
N GLU A 39 -15.01 -21.58 0.83
CA GLU A 39 -15.72 -22.64 0.06
C GLU A 39 -15.18 -24.06 0.27
N GLU A 40 -13.87 -24.21 0.42
CA GLU A 40 -13.28 -25.52 0.72
C GLU A 40 -13.05 -25.60 2.22
N ASP A 41 -13.91 -24.93 2.98
CA ASP A 41 -13.71 -24.80 4.42
C ASP A 41 -12.36 -24.17 4.80
N LEU A 42 -11.51 -24.85 5.58
CA LEU A 42 -10.20 -24.29 5.93
C LEU A 42 -9.07 -24.84 5.08
N GLU A 43 -9.37 -25.62 4.05
CA GLU A 43 -8.32 -26.26 3.23
C GLU A 43 -7.49 -25.20 2.54
N GLY A 44 -6.19 -25.46 2.40
CA GLY A 44 -5.29 -24.61 1.57
C GLY A 44 -4.59 -23.56 2.41
N TRP A 45 -5.12 -23.34 3.61
CA TRP A 45 -4.56 -22.40 4.57
C TRP A 45 -3.73 -23.09 5.62
N SER A 46 -2.60 -22.47 6.00
CA SER A 46 -1.80 -22.89 7.15
C SER A 46 -2.28 -22.19 8.40
N LEU A 47 -2.54 -22.93 9.48
CA LEU A 47 -3.13 -22.36 10.67
C LEU A 47 -2.05 -22.09 11.71
N ASP A 48 -2.28 -21.14 12.63
CA ASP A 48 -1.33 -20.83 13.68
C ASP A 48 -1.48 -21.90 14.75
N VAL A 49 -1.02 -21.63 15.97
CA VAL A 49 -1.13 -22.63 17.08
C VAL A 49 -2.58 -23.14 17.35
N ASN A 50 -3.56 -22.23 17.33
CA ASN A 50 -4.96 -22.60 17.56
C ASN A 50 -5.55 -23.64 16.62
N GLY A 51 -4.90 -23.83 15.47
CA GLY A 51 -5.26 -24.82 14.47
C GLY A 51 -6.68 -24.57 14.01
N GLY A 52 -7.35 -25.66 13.68
CA GLY A 52 -8.75 -25.64 13.28
C GLY A 52 -9.67 -24.91 14.20
N ASP A 53 -9.35 -24.91 15.49
CA ASP A 53 -10.23 -24.25 16.49
C ASP A 53 -10.21 -22.74 16.44
N GLY A 54 -9.21 -22.16 15.77
CA GLY A 54 -9.10 -20.72 15.67
C GLY A 54 -10.07 -20.10 14.65
N TRP A 55 -10.71 -20.90 13.82
CA TRP A 55 -11.50 -20.34 12.69
C TRP A 55 -12.84 -21.02 12.45
N LYS A 56 -13.82 -20.26 11.93
CA LYS A 56 -15.07 -20.80 11.40
C LYS A 56 -15.37 -20.12 10.08
N VAL A 57 -16.04 -20.83 9.17
CA VAL A 57 -16.48 -20.29 7.89
C VAL A 57 -17.97 -20.10 8.02
N GLU A 58 -18.49 -18.93 7.67
CA GLU A 58 -19.93 -18.69 7.66
C GLU A 58 -20.38 -18.15 6.30
N GLU A 59 -21.68 -18.22 6.08
CA GLU A 59 -22.32 -17.64 4.90
C GLU A 59 -22.58 -16.15 5.09
N LEU A 60 -22.35 -15.34 4.06
CA LEU A 60 -22.72 -13.91 4.07
C LEU A 60 -24.25 -13.76 3.89
N SER A 61 -24.85 -12.86 4.68
CA SER A 61 -26.22 -12.40 4.47
C SER A 61 -26.30 -11.80 3.06
N ARG A 62 -27.47 -11.90 2.41
CA ARG A 62 -27.62 -11.36 1.04
C ARG A 62 -27.27 -9.89 0.98
N ASP A 63 -27.65 -9.17 2.02
CA ASP A 63 -27.17 -7.84 2.26
C ASP A 63 -25.62 -7.66 2.19
N GLN A 64 -24.85 -8.43 2.98
CA GLN A 64 -23.40 -8.31 2.97
C GLN A 64 -22.84 -8.59 1.55
N ARG A 65 -23.42 -9.57 0.83
CA ARG A 65 -22.99 -9.87 -0.56
C ARG A 65 -22.93 -8.65 -1.46
N LYS A 66 -23.70 -7.63 -1.11
CA LYS A 66 -23.72 -6.38 -1.86
C LYS A 66 -22.38 -5.64 -1.78
N GLU A 67 -21.52 -6.02 -0.83
CA GLU A 67 -20.33 -5.21 -0.48
C GLU A 67 -19.09 -5.58 -1.26
N PHE A 68 -19.21 -6.63 -2.06
CA PHE A 68 -18.06 -7.14 -2.81
C PHE A 68 -18.19 -6.88 -4.30
N PRO A 69 -17.05 -6.81 -5.03
CA PRO A 69 -17.08 -6.57 -6.47
C PRO A 69 -18.05 -7.52 -7.16
N ASN A 70 -17.62 -8.77 -7.40
CA ASN A 70 -18.51 -9.78 -7.95
C ASN A 70 -19.59 -10.29 -6.95
N ASP A 71 -20.55 -11.09 -7.43
CA ASP A 71 -21.53 -11.79 -6.57
C ASP A 71 -21.09 -13.24 -6.27
N GLN A 72 -19.80 -13.50 -6.55
CA GLN A 72 -19.16 -14.79 -6.30
C GLN A 72 -18.58 -14.90 -4.87
N VAL A 73 -18.67 -13.83 -4.07
CA VAL A 73 -18.26 -13.90 -2.64
C VAL A 73 -19.47 -14.27 -1.79
N LYS A 74 -19.55 -15.50 -1.32
CA LYS A 74 -20.76 -15.94 -0.60
C LYS A 74 -20.45 -16.44 0.81
N LYS A 75 -19.15 -16.58 1.13
CA LYS A 75 -18.69 -16.99 2.48
C LYS A 75 -17.58 -16.10 3.06
N TYR A 76 -17.20 -16.38 4.31
CA TYR A 76 -16.23 -15.59 5.00
C TYR A 76 -15.64 -16.42 6.12
N PHE A 77 -14.45 -16.02 6.60
CA PHE A 77 -13.80 -16.65 7.73
C PHE A 77 -13.96 -15.69 8.88
N VAL A 78 -14.08 -16.25 10.08
CA VAL A 78 -14.18 -15.51 11.35
C VAL A 78 -13.20 -16.18 12.30
N THR A 79 -12.35 -15.38 12.92
CA THR A 79 -11.50 -15.89 13.99
C THR A 79 -12.33 -16.18 15.25
N SER A 80 -12.03 -17.32 15.87
CA SER A 80 -12.60 -17.72 17.13
C SER A 80 -11.99 -17.01 18.31
N TYR A 81 -10.80 -16.47 18.16
CA TYR A 81 -10.12 -15.83 19.27
C TYR A 81 -9.35 -14.68 18.63
N TYR A 82 -9.12 -13.62 19.39
CA TYR A 82 -8.55 -12.39 18.87
C TYR A 82 -7.14 -12.40 18.25
N THR A 83 -6.35 -13.45 18.49
CA THR A 83 -4.99 -13.50 17.96
C THR A 83 -4.88 -14.37 16.71
N CYS A 84 -5.92 -15.10 16.36
CA CYS A 84 -5.85 -16.09 15.27
C CYS A 84 -5.38 -15.52 13.90
N ARG A 85 -4.42 -16.20 13.28
CA ARG A 85 -3.95 -15.81 11.96
C ARG A 85 -3.91 -17.04 11.07
N LYS A 86 -3.86 -16.81 9.76
CA LYS A 86 -3.66 -17.91 8.83
C LYS A 86 -2.88 -17.37 7.66
N ALA A 87 -2.34 -18.27 6.85
CA ALA A 87 -1.28 -17.91 5.90
C ALA A 87 -1.25 -18.86 4.70
N GLN A 88 -0.71 -18.37 3.60
CA GLN A 88 -0.55 -19.23 2.46
C GLN A 88 0.71 -18.78 1.75
N VAL A 89 1.42 -19.70 1.13
CA VAL A 89 2.58 -19.35 0.32
C VAL A 89 2.32 -19.83 -1.10
N ILE A 90 2.47 -18.92 -2.05
CA ILE A 90 2.25 -19.16 -3.46
C ILE A 90 3.62 -19.37 -4.15
N ASP A 91 3.72 -20.44 -4.96
CA ASP A 91 4.89 -20.74 -5.77
C ASP A 91 4.61 -20.25 -7.20
N LEU A 92 5.31 -19.18 -7.57
CA LEU A 92 5.01 -18.47 -8.80
C LEU A 92 5.35 -19.34 -9.97
N GLN A 93 6.49 -20.06 -9.91
CA GLN A 93 6.90 -20.92 -11.03
C GLN A 93 5.84 -21.96 -11.28
N ALA A 94 5.45 -22.66 -10.22
CA ALA A 94 4.33 -23.60 -10.30
C ALA A 94 3.06 -22.94 -10.89
N GLU A 95 2.85 -21.63 -10.67
CA GLU A 95 1.69 -20.99 -11.29
C GLU A 95 1.84 -20.45 -12.74
N GLY A 96 2.94 -20.77 -13.41
CA GLY A 96 3.15 -20.31 -14.81
C GLY A 96 4.05 -19.10 -14.95
N TYR A 97 4.48 -18.50 -13.85
CA TYR A 97 5.33 -17.30 -13.94
C TYR A 97 6.79 -17.74 -13.77
N TRP A 98 7.45 -17.91 -14.90
CA TRP A 98 8.81 -18.44 -14.92
C TRP A 98 9.84 -17.36 -14.48
N GLU A 99 11.01 -17.85 -14.06
CA GLU A 99 12.18 -17.06 -13.67
C GLU A 99 12.45 -15.78 -14.45
N GLU A 100 12.25 -15.83 -15.76
CA GLU A 100 12.80 -14.81 -16.60
C GLU A 100 11.80 -13.70 -16.84
N LEU A 101 10.51 -14.07 -16.95
CA LEU A 101 9.39 -13.15 -16.92
C LEU A 101 9.46 -12.32 -15.65
N LEU A 102 9.68 -12.97 -14.51
CA LEU A 102 9.74 -12.26 -13.28
C LEU A 102 10.93 -11.29 -13.30
N ASP A 103 12.16 -11.82 -13.33
CA ASP A 103 13.37 -10.99 -13.33
C ASP A 103 13.35 -9.86 -14.36
N THR A 104 12.98 -10.20 -15.60
CA THR A 104 13.13 -9.30 -16.74
C THR A 104 11.93 -8.36 -16.94
N THR A 105 10.73 -8.91 -16.85
CA THR A 105 9.52 -8.16 -17.08
C THR A 105 8.99 -7.50 -15.78
N GLN A 106 9.18 -8.14 -14.62
CA GLN A 106 8.65 -7.54 -13.37
C GLN A 106 7.13 -7.23 -13.34
N PRO A 107 6.28 -8.18 -13.77
CA PRO A 107 4.87 -7.78 -13.83
C PRO A 107 4.27 -7.37 -12.46
N ALA A 108 3.31 -6.46 -12.45
CA ALA A 108 2.60 -6.08 -11.22
C ALA A 108 2.02 -7.33 -10.55
N ILE A 109 2.36 -7.45 -9.28
CA ILE A 109 1.75 -8.41 -8.36
C ILE A 109 0.84 -7.63 -7.41
N VAL A 110 -0.49 -7.84 -7.51
CA VAL A 110 -1.50 -7.11 -6.78
C VAL A 110 -2.10 -8.01 -5.70
N VAL A 111 -2.18 -7.52 -4.47
CA VAL A 111 -2.66 -8.34 -3.37
C VAL A 111 -3.75 -7.56 -2.71
N LYS A 112 -4.87 -8.24 -2.45
CA LYS A 112 -6.02 -7.58 -1.87
C LYS A 112 -6.61 -8.42 -0.78
N ASP A 113 -7.26 -7.79 0.19
CA ASP A 113 -7.98 -8.56 1.21
C ASP A 113 -9.22 -7.76 1.66
N TRP A 114 -10.19 -8.45 2.23
CA TRP A 114 -11.39 -7.82 2.80
C TRP A 114 -11.49 -8.26 4.20
N TYR A 115 -11.64 -7.31 5.10
CA TYR A 115 -11.77 -7.63 6.51
C TYR A 115 -12.89 -6.78 7.13
N SER A 116 -13.38 -7.21 8.29
CA SER A 116 -14.39 -6.42 8.96
C SER A 116 -14.32 -6.74 10.41
N GLY A 117 -15.10 -6.00 11.18
CA GLY A 117 -15.35 -6.36 12.56
C GLY A 117 -16.59 -7.26 12.62
N ARG A 118 -17.25 -7.14 13.77
CA ARG A 118 -18.59 -7.70 13.93
C ARG A 118 -19.60 -6.64 14.51
N PRO A 119 -20.94 -6.86 14.33
CA PRO A 119 -21.89 -5.90 14.89
C PRO A 119 -21.69 -5.80 16.40
N ASP A 120 -21.37 -4.61 16.86
CA ASP A 120 -21.48 -4.26 18.27
C ASP A 120 -20.18 -4.11 19.08
N CYS A 121 -19.05 -4.66 18.59
CA CYS A 121 -17.69 -4.23 19.10
C CYS A 121 -16.51 -4.32 18.14
N GLY A 122 -15.52 -3.53 18.54
CA GLY A 122 -14.20 -3.36 17.94
C GLY A 122 -13.27 -4.56 17.82
N SER A 123 -12.78 -4.70 16.59
CA SER A 123 -11.84 -5.72 16.18
C SER A 123 -10.48 -5.10 15.84
N LYS A 124 -9.43 -5.93 15.88
CA LYS A 124 -8.10 -5.59 15.29
C LYS A 124 -7.65 -6.59 14.19
N TYR A 125 -6.98 -6.10 13.14
CA TYR A 125 -6.63 -6.87 11.97
C TYR A 125 -5.25 -6.47 11.50
N GLN A 126 -4.51 -7.42 10.95
CA GLN A 126 -3.22 -7.07 10.41
C GLN A 126 -2.90 -7.95 9.21
N LEU A 127 -2.28 -7.40 8.19
CA LEU A 127 -1.98 -8.15 7.00
C LEU A 127 -0.48 -8.07 6.74
N THR A 128 0.16 -9.19 6.37
CA THR A 128 1.56 -9.17 5.97
C THR A 128 1.68 -9.91 4.67
N VAL A 129 2.18 -9.25 3.64
CA VAL A 129 2.44 -9.94 2.38
C VAL A 129 3.92 -9.79 2.02
N ARG A 130 4.59 -10.90 1.73
CA ARG A 130 6.02 -10.84 1.37
C ARG A 130 6.33 -11.49 0.04
N LEU A 131 7.30 -10.89 -0.65
CA LEU A 131 7.82 -11.46 -1.87
C LEU A 131 9.14 -12.06 -1.51
N LEU A 132 9.21 -13.37 -1.70
CA LEU A 132 10.37 -14.12 -1.28
C LEU A 132 11.18 -14.68 -2.46
N SER A 133 12.51 -14.71 -2.25
CA SER A 133 13.49 -15.35 -3.13
C SER A 133 13.40 -16.84 -2.98
N GLU A 134 14.25 -17.56 -3.71
CA GLU A 134 14.28 -19.01 -3.71
C GLU A 134 14.71 -19.61 -2.39
N ASN A 135 15.57 -18.92 -1.65
CA ASN A 135 15.96 -19.37 -0.33
C ASN A 135 15.30 -18.55 0.77
N GLU A 136 14.19 -17.90 0.37
CA GLU A 136 13.25 -17.22 1.28
C GLU A 136 13.71 -15.91 1.88
N ASP A 137 14.65 -15.23 1.25
CA ASP A 137 14.92 -13.87 1.67
C ASP A 137 13.71 -13.00 1.38
N VAL A 138 13.38 -12.14 2.33
CA VAL A 138 12.36 -11.14 2.13
C VAL A 138 12.87 -10.06 1.18
N LEU A 139 12.46 -10.17 -0.07
CA LEU A 139 12.87 -9.21 -1.07
C LEU A 139 11.97 -7.95 -1.09
N ALA A 140 10.72 -8.06 -0.64
CA ALA A 140 9.77 -6.92 -0.59
C ALA A 140 8.69 -7.27 0.40
N GLU A 141 8.08 -6.28 1.02
CA GLU A 141 7.17 -6.54 2.12
C GLU A 141 6.14 -5.47 2.26
N PHE A 142 4.88 -5.89 2.31
CA PHE A 142 3.81 -4.99 2.55
C PHE A 142 3.29 -5.40 3.90
N GLN A 143 3.57 -4.54 4.89
CA GLN A 143 3.11 -4.81 6.25
C GLN A 143 2.52 -3.53 6.86
N PRO A 144 1.30 -3.22 6.45
CA PRO A 144 0.79 -1.96 6.88
C PRO A 144 0.60 -2.01 8.41
N ASP A 145 0.47 -0.86 9.06
CA ASP A 145 0.05 -0.81 10.50
C ASP A 145 -1.20 -1.67 10.78
N PRO A 146 -1.43 -2.07 12.04
CA PRO A 146 -2.70 -2.78 12.27
C PRO A 146 -3.93 -1.93 11.96
N ALA A 147 -5.04 -2.54 11.56
CA ALA A 147 -6.31 -1.82 11.42
C ALA A 147 -7.10 -1.93 12.71
N THR A 148 -7.60 -0.81 13.20
CA THR A 148 -8.51 -0.82 14.35
C THR A 148 -9.89 -0.59 13.83
N ILE A 149 -10.75 -1.60 13.93
CA ILE A 149 -12.10 -1.49 13.40
C ILE A 149 -12.95 -1.11 14.59
N GLN A 150 -13.34 0.16 14.69
CA GLN A 150 -14.23 0.62 15.78
C GLN A 150 -15.60 -0.11 15.81
N GLN A 151 -16.17 -0.24 17.00
CA GLN A 151 -17.52 -0.81 17.23
C GLN A 151 -18.63 0.03 16.57
N LYS A 152 -19.73 -0.62 16.18
CA LYS A 152 -20.86 -0.02 15.42
C LYS A 152 -21.96 -1.08 15.38
N SER A 153 -23.20 -0.69 15.07
CA SER A 153 -24.37 -1.63 15.02
C SER A 153 -24.20 -2.69 13.98
N ASP A 154 -23.39 -2.35 12.99
CA ASP A 154 -23.12 -3.24 11.87
C ASP A 154 -21.58 -3.42 11.68
N ALA A 155 -21.24 -4.19 10.65
CA ALA A 155 -19.88 -4.64 10.44
C ALA A 155 -19.50 -4.52 8.96
N LYS A 156 -19.40 -3.29 8.44
CA LYS A 156 -19.11 -3.06 7.01
C LYS A 156 -17.75 -3.67 6.64
N TRP A 157 -17.66 -4.32 5.46
CA TRP A 157 -16.42 -4.83 4.95
C TRP A 157 -15.57 -3.70 4.42
N ARG A 158 -14.25 -3.83 4.57
CA ARG A 158 -13.21 -2.91 4.11
C ARG A 158 -12.32 -3.71 3.21
N GLU A 159 -11.76 -3.08 2.21
CA GLU A 159 -10.75 -3.70 1.37
C GLU A 159 -9.39 -3.11 1.74
N ILE A 160 -8.35 -3.92 1.58
CA ILE A 160 -7.03 -3.38 1.63
C ILE A 160 -6.29 -3.91 0.40
N SER A 161 -5.47 -3.06 -0.20
CA SER A 161 -4.91 -3.30 -1.51
C SER A 161 -3.47 -2.84 -1.56
N HIS A 162 -2.62 -3.60 -2.26
CA HIS A 162 -1.27 -3.15 -2.54
C HIS A 162 -0.78 -3.80 -3.81
N THR A 163 0.03 -3.06 -4.57
CA THR A 163 0.59 -3.51 -5.85
C THR A 163 2.09 -3.41 -5.71
N PHE A 164 2.79 -4.50 -6.00
CA PHE A 164 4.26 -4.51 -6.05
C PHE A 164 4.65 -4.34 -7.49
N ILE A 165 5.44 -3.29 -7.75
CA ILE A 165 6.16 -3.17 -9.03
C ILE A 165 7.60 -2.75 -8.74
N ASP A 166 8.46 -2.82 -9.76
CA ASP A 166 9.86 -2.42 -9.61
C ASP A 166 10.48 -3.13 -8.42
N TYR A 167 10.09 -4.39 -8.20
CA TYR A 167 10.51 -5.13 -7.01
C TYR A 167 11.88 -5.83 -7.17
N GLY A 168 12.40 -5.92 -8.39
CA GLY A 168 13.77 -6.38 -8.62
C GLY A 168 13.77 -7.87 -8.97
N PRO A 169 14.97 -8.45 -9.18
CA PRO A 169 15.20 -9.86 -9.55
C PRO A 169 15.04 -10.86 -8.38
N GLY A 170 14.75 -12.13 -8.69
CA GLY A 170 14.79 -13.22 -7.71
C GLY A 170 13.42 -13.55 -7.10
N VAL A 171 12.35 -12.86 -7.48
CA VAL A 171 11.08 -13.11 -6.75
C VAL A 171 10.49 -14.51 -7.12
N ARG A 172 10.26 -15.35 -6.10
CA ARG A 172 9.78 -16.70 -6.45
C ARG A 172 8.53 -17.12 -5.76
N PHE A 173 8.30 -16.61 -4.53
CA PHE A 173 7.13 -16.95 -3.74
C PHE A 173 6.44 -15.71 -3.22
N VAL A 174 5.13 -15.84 -3.03
CA VAL A 174 4.38 -14.79 -2.39
C VAL A 174 3.78 -15.39 -1.12
N ARG A 175 4.23 -14.89 0.04
CA ARG A 175 3.67 -15.34 1.27
C ARG A 175 2.63 -14.32 1.72
N PHE A 176 1.46 -14.84 2.07
CA PHE A 176 0.33 -13.97 2.38
C PHE A 176 -0.18 -14.38 3.72
N GLU A 177 -0.15 -13.47 4.69
CA GLU A 177 -0.60 -13.78 6.06
C GLU A 177 -1.52 -12.72 6.64
N HIS A 178 -2.58 -13.14 7.32
CA HIS A 178 -3.51 -12.18 7.89
C HIS A 178 -4.29 -12.79 9.08
N GLY A 179 -5.06 -11.95 9.75
CA GLY A 179 -5.87 -12.29 10.92
C GLY A 179 -5.74 -11.20 11.96
N GLY A 180 -5.89 -11.60 13.22
CA GLY A 180 -5.86 -10.72 14.37
C GLY A 180 -4.42 -10.35 14.68
N VAL A 181 -4.29 -9.49 15.68
CA VAL A 181 -3.00 -9.00 16.10
C VAL A 181 -2.54 -9.83 17.28
N ASP A 182 -1.55 -10.69 17.00
CA ASP A 182 -0.93 -11.53 18.02
C ASP A 182 -0.18 -10.65 19.04
N THR A 183 -0.72 -10.61 20.25
CA THR A 183 -0.24 -9.75 21.33
C THR A 183 -0.58 -10.45 22.65
N HIS A 184 0.31 -10.33 23.64
CA HIS A 184 0.11 -11.03 24.92
C HIS A 184 -1.04 -10.43 25.72
N TYR A 185 -1.59 -9.32 25.20
CA TYR A 185 -2.42 -8.38 25.95
C TYR A 185 -3.87 -8.24 25.55
N TRP A 186 -4.74 -8.95 26.25
CA TRP A 186 -6.16 -8.75 26.06
C TRP A 186 -6.54 -7.36 26.52
N ALA A 187 -6.88 -6.50 25.56
CA ALA A 187 -7.24 -5.12 25.84
C ALA A 187 -8.66 -4.70 25.37
N GLY A 188 -9.56 -5.67 25.13
CA GLY A 188 -10.94 -5.36 24.65
C GLY A 188 -11.36 -5.93 23.29
N TRP A 189 -10.39 -6.00 22.36
CA TRP A 189 -10.59 -6.19 20.91
C TRP A 189 -10.81 -7.61 20.35
N TYR A 190 -12.00 -7.93 19.82
CA TYR A 190 -12.20 -9.12 18.98
C TYR A 190 -11.16 -9.27 17.83
N GLY A 191 -11.08 -10.49 17.29
CA GLY A 191 -10.39 -10.74 16.03
C GLY A 191 -11.28 -10.27 14.89
N PRO A 192 -10.77 -10.32 13.65
CA PRO A 192 -11.56 -9.86 12.54
C PRO A 192 -12.30 -10.98 11.84
N ARG A 193 -13.16 -10.61 10.90
CA ARG A 193 -13.62 -11.50 9.83
C ARG A 193 -12.84 -11.14 8.58
N VAL A 194 -12.53 -12.16 7.77
CA VAL A 194 -11.81 -11.97 6.53
C VAL A 194 -12.43 -12.79 5.40
N THR A 195 -12.39 -12.23 4.21
CA THR A 195 -12.78 -13.00 3.05
C THR A 195 -12.21 -12.44 1.76
N ASN A 196 -12.36 -13.18 0.68
CA ASN A 196 -12.05 -12.61 -0.68
C ASN A 196 -10.59 -12.26 -0.89
N SER A 197 -9.70 -12.96 -0.21
CA SER A 197 -8.29 -12.67 -0.31
C SER A 197 -7.84 -12.95 -1.71
N SER A 198 -7.13 -12.03 -2.35
CA SER A 198 -6.54 -12.41 -3.61
C SER A 198 -5.09 -11.98 -3.87
N VAL A 199 -4.37 -12.77 -4.65
CA VAL A 199 -3.07 -12.38 -5.17
C VAL A 199 -3.12 -12.64 -6.64
N TRP A 200 -2.73 -11.71 -7.47
CA TRP A 200 -2.60 -12.05 -8.90
C TRP A 200 -1.42 -11.30 -9.56
N VAL A 201 -0.98 -11.82 -10.70
CA VAL A 201 0.06 -11.17 -11.47
C VAL A 201 -0.64 -10.51 -12.65
N GLU A 202 -0.38 -9.20 -12.88
CA GLU A 202 -0.98 -8.46 -13.99
C GLU A 202 -0.43 -8.89 -15.36
N PRO A 203 -1.34 -9.08 -16.35
CA PRO A 203 -0.89 -9.32 -17.73
C PRO A 203 0.15 -8.29 -18.21
N ARG B 30 -10.29 17.02 -3.00
CA ARG B 30 -9.27 18.10 -2.93
C ARG B 30 -7.83 17.65 -2.53
N ASN B 31 -6.89 17.81 -3.45
CA ASN B 31 -5.49 17.50 -3.22
C ASN B 31 -4.88 18.48 -2.25
N LEU B 32 -4.35 18.01 -1.12
CA LEU B 32 -3.84 18.88 -0.07
C LEU B 32 -2.36 19.18 -0.21
N LEU B 33 -1.68 18.57 -1.18
CA LEU B 33 -0.29 18.97 -1.40
C LEU B 33 -0.31 20.17 -2.32
N ARG B 34 0.52 21.15 -1.99
CA ARG B 34 0.76 22.27 -2.87
C ARG B 34 1.76 21.92 -3.97
N ASN B 35 1.56 22.51 -5.13
CA ASN B 35 2.54 22.45 -6.19
C ASN B 35 2.96 20.99 -6.55
N PRO B 36 1.99 20.09 -6.87
CA PRO B 36 2.33 18.68 -7.08
C PRO B 36 3.14 18.37 -8.36
N CYS B 37 3.32 19.34 -9.24
CA CYS B 37 3.81 19.09 -10.59
C CYS B 37 4.92 20.04 -11.01
N GLY B 38 5.22 21.03 -10.15
CA GLY B 38 6.22 22.04 -10.51
C GLY B 38 5.71 23.30 -11.21
N GLU B 39 4.40 23.51 -11.26
CA GLU B 39 3.83 24.73 -11.86
C GLU B 39 4.32 25.97 -11.16
N GLU B 40 4.59 25.84 -9.87
CA GLU B 40 5.17 26.90 -9.08
C GLU B 40 6.65 26.66 -8.82
N ASP B 41 7.34 25.92 -9.69
CA ASP B 41 8.76 25.58 -9.45
C ASP B 41 8.93 24.66 -8.26
N LEU B 42 9.82 25.03 -7.35
CA LEU B 42 10.02 24.29 -6.10
C LEU B 42 9.24 24.82 -4.89
N GLU B 43 8.45 25.88 -5.08
CA GLU B 43 7.72 26.47 -3.95
C GLU B 43 6.83 25.46 -3.27
N GLY B 44 6.91 25.45 -1.94
CA GLY B 44 5.96 24.67 -1.13
C GLY B 44 6.60 23.37 -0.71
N TRP B 45 7.63 22.95 -1.45
CA TRP B 45 8.37 21.74 -1.12
C TRP B 45 9.51 22.00 -0.15
N SER B 46 9.75 21.13 0.80
CA SER B 46 10.99 21.26 1.62
C SER B 46 12.12 20.46 1.01
N LEU B 47 13.25 21.10 0.78
CA LEU B 47 14.36 20.45 0.04
C LEU B 47 15.33 19.77 1.03
N ASP B 48 16.12 18.80 0.57
CA ASP B 48 17.09 18.16 1.43
C ASP B 48 18.40 18.99 1.49
N VAL B 49 19.50 18.36 1.92
CA VAL B 49 20.82 19.04 1.95
C VAL B 49 21.12 19.76 0.61
N ASN B 50 20.83 19.13 -0.52
CA ASN B 50 21.08 19.74 -1.84
C ASN B 50 20.25 20.97 -2.21
N GLY B 51 19.28 21.35 -1.38
CA GLY B 51 18.38 22.47 -1.68
C GLY B 51 17.96 22.49 -3.14
N GLY B 52 17.86 23.70 -3.70
CA GLY B 52 17.46 23.92 -5.09
C GLY B 52 18.30 23.25 -6.19
N ASP B 53 19.59 23.10 -6.00
CA ASP B 53 20.38 22.42 -7.04
C ASP B 53 20.05 20.96 -7.18
N GLY B 54 19.23 20.46 -6.27
CA GLY B 54 18.90 19.03 -6.26
C GLY B 54 17.74 18.74 -7.21
N TRP B 55 17.04 19.79 -7.65
CA TRP B 55 15.79 19.63 -8.43
C TRP B 55 15.69 20.49 -9.70
N LYS B 56 15.05 19.94 -10.73
CA LYS B 56 14.60 20.73 -11.89
C LYS B 56 13.14 20.43 -12.18
N VAL B 57 12.42 21.43 -12.67
CA VAL B 57 11.06 21.22 -13.18
C VAL B 57 11.21 21.29 -14.71
N GLU B 58 10.67 20.29 -15.44
CA GLU B 58 10.60 20.33 -16.92
C GLU B 58 9.13 20.15 -17.38
N GLU B 59 8.88 20.38 -18.66
CA GLU B 59 7.55 20.16 -19.28
C GLU B 59 7.51 18.78 -19.84
N LEU B 60 6.44 18.04 -19.58
CA LEU B 60 6.20 16.79 -20.26
C LEU B 60 5.94 17.04 -21.76
N SER B 61 6.48 16.16 -22.62
CA SER B 61 6.07 16.04 -24.03
C SER B 61 4.60 15.59 -24.13
N ARG B 62 3.95 15.89 -25.27
CA ARG B 62 2.51 15.57 -25.45
C ARG B 62 2.20 14.10 -25.23
N ASP B 63 3.11 13.23 -25.68
CA ASP B 63 3.02 11.76 -25.52
C ASP B 63 3.08 11.33 -24.05
N GLN B 64 3.99 11.95 -23.29
CA GLN B 64 4.07 11.73 -21.85
C GLN B 64 2.82 12.21 -21.09
N ARG B 65 2.09 13.19 -21.62
CA ARG B 65 0.86 13.70 -20.95
C ARG B 65 -0.30 12.74 -21.10
N LYS B 66 -0.19 11.84 -22.07
CA LYS B 66 -1.23 10.88 -22.30
C LYS B 66 -1.22 9.79 -21.24
N GLU B 67 -0.08 9.64 -20.56
CA GLU B 67 0.05 8.65 -19.49
C GLU B 67 -0.69 9.01 -18.18
N PHE B 68 -1.12 10.27 -18.05
CA PHE B 68 -1.84 10.74 -16.85
C PHE B 68 -3.35 10.77 -17.09
N PRO B 69 -4.16 10.55 -16.00
CA PRO B 69 -5.63 10.57 -16.08
C PRO B 69 -6.20 11.94 -16.51
N ASN B 70 -6.36 12.85 -15.55
CA ASN B 70 -6.72 14.25 -15.80
C ASN B 70 -5.67 14.89 -16.73
N ASP B 71 -6.14 15.44 -17.84
CA ASP B 71 -5.24 16.05 -18.83
C ASP B 71 -4.45 17.25 -18.28
N GLN B 72 -4.49 17.45 -16.95
CA GLN B 72 -3.96 18.66 -16.34
C GLN B 72 -2.56 18.54 -15.75
N VAL B 73 -1.86 17.44 -16.07
CA VAL B 73 -0.48 17.24 -15.64
C VAL B 73 0.44 17.58 -16.80
N LYS B 74 1.25 18.63 -16.65
CA LYS B 74 2.02 19.16 -17.76
C LYS B 74 3.49 19.35 -17.42
N LYS B 75 3.81 19.36 -16.13
CA LYS B 75 5.18 19.38 -15.71
C LYS B 75 5.56 18.20 -14.79
N TYR B 76 6.85 18.02 -14.54
CA TYR B 76 7.38 17.05 -13.60
C TYR B 76 8.65 17.54 -12.92
N PHE B 77 9.02 16.87 -11.83
CA PHE B 77 10.23 17.16 -11.09
C PHE B 77 11.29 16.07 -11.40
N VAL B 78 12.55 16.46 -11.54
CA VAL B 78 13.66 15.56 -11.87
C VAL B 78 14.77 15.83 -10.92
N THR B 79 15.29 14.79 -10.30
CA THR B 79 16.35 14.97 -9.33
C THR B 79 17.63 15.25 -10.08
N SER B 80 18.39 16.25 -9.64
CA SER B 80 19.76 16.44 -10.17
C SER B 80 20.82 15.43 -9.67
N TYR B 81 20.54 14.72 -8.58
CA TYR B 81 21.50 13.77 -8.04
C TYR B 81 20.70 12.57 -7.52
N TYR B 82 21.31 11.40 -7.44
CA TYR B 82 20.53 10.20 -7.22
C TYR B 82 19.95 10.08 -5.80
N THR B 83 20.32 10.98 -4.90
CA THR B 83 19.83 10.89 -3.51
C THR B 83 18.77 11.89 -3.14
N CYS B 84 18.51 12.88 -4.01
CA CYS B 84 17.63 14.02 -3.68
C CYS B 84 16.20 13.61 -3.31
N ARG B 85 15.75 14.17 -2.18
CA ARG B 85 14.39 14.01 -1.68
C ARG B 85 13.73 15.38 -1.43
N LYS B 86 12.40 15.36 -1.32
CA LYS B 86 11.65 16.54 -0.94
C LYS B 86 10.36 16.08 -0.29
N ALA B 87 9.72 16.97 0.50
CA ALA B 87 8.69 16.62 1.48
C ALA B 87 7.72 17.78 1.69
N GLN B 88 6.53 17.47 2.15
CA GLN B 88 5.58 18.47 2.60
C GLN B 88 4.88 17.91 3.82
N VAL B 89 4.47 18.78 4.74
CA VAL B 89 3.68 18.35 5.89
C VAL B 89 2.32 19.03 5.81
N ILE B 90 1.26 18.24 5.77
CA ILE B 90 -0.07 18.79 5.71
C ILE B 90 -0.64 18.87 7.12
N ASP B 91 -1.04 20.08 7.51
CA ASP B 91 -1.78 20.33 8.73
C ASP B 91 -3.28 20.12 8.41
N LEU B 92 -3.88 19.07 8.95
CA LEU B 92 -5.25 18.70 8.58
C LEU B 92 -6.33 19.61 9.20
N GLN B 93 -6.10 20.10 10.43
CA GLN B 93 -7.06 21.07 10.99
C GLN B 93 -7.03 22.36 10.15
N ALA B 94 -5.83 22.82 9.78
CA ALA B 94 -5.69 23.99 8.91
C ALA B 94 -6.40 23.78 7.58
N GLU B 95 -6.61 22.53 7.20
CA GLU B 95 -7.31 22.29 5.94
C GLU B 95 -8.82 22.09 6.10
N GLY B 96 -9.38 22.27 7.31
CA GLY B 96 -10.82 22.07 7.54
C GLY B 96 -11.24 20.70 8.09
N TYR B 97 -10.27 19.82 8.33
CA TYR B 97 -10.57 18.52 8.88
C TYR B 97 -10.46 18.57 10.38
N TRP B 98 -11.61 18.41 11.03
CA TRP B 98 -11.69 18.83 12.42
C TRP B 98 -11.35 17.62 13.33
N GLU B 99 -11.09 17.87 14.60
CA GLU B 99 -10.66 16.82 15.57
C GLU B 99 -11.63 15.64 15.64
N GLU B 100 -12.91 15.93 15.79
CA GLU B 100 -13.87 14.87 16.00
C GLU B 100 -13.98 14.00 14.73
N LEU B 101 -13.88 14.61 13.55
CA LEU B 101 -13.86 13.83 12.31
C LEU B 101 -12.63 12.90 12.24
N LEU B 102 -11.46 13.48 12.46
CA LEU B 102 -10.21 12.74 12.53
C LEU B 102 -10.15 11.59 13.57
N ASP B 103 -10.57 11.85 14.81
CA ASP B 103 -10.47 10.92 15.93
C ASP B 103 -11.59 9.87 15.89
N THR B 104 -12.81 10.24 15.52
CA THR B 104 -13.91 9.28 15.56
C THR B 104 -14.29 8.68 14.21
N THR B 105 -14.43 9.49 13.17
CA THR B 105 -14.77 8.94 11.86
C THR B 105 -13.57 8.29 11.14
N GLN B 106 -12.35 8.84 11.30
CA GLN B 106 -11.16 8.27 10.60
C GLN B 106 -11.44 8.10 9.09
N PRO B 107 -11.73 9.20 8.39
CA PRO B 107 -12.08 9.06 6.98
C PRO B 107 -10.81 8.64 6.16
N ALA B 108 -11.00 7.84 5.10
CA ALA B 108 -9.88 7.39 4.31
C ALA B 108 -8.98 8.56 3.94
N ILE B 109 -7.68 8.39 4.14
CA ILE B 109 -6.71 9.39 3.66
C ILE B 109 -5.99 8.69 2.51
N VAL B 110 -6.17 9.18 1.29
CA VAL B 110 -5.64 8.56 0.07
C VAL B 110 -4.43 9.28 -0.44
N VAL B 111 -3.37 8.55 -0.73
CA VAL B 111 -2.11 9.19 -1.09
C VAL B 111 -1.62 8.57 -2.39
N LYS B 112 -1.23 9.42 -3.34
CA LYS B 112 -0.82 8.94 -4.65
C LYS B 112 0.44 9.63 -5.10
N ASP B 113 1.25 8.96 -5.91
CA ASP B 113 2.46 9.56 -6.48
C ASP B 113 2.79 8.92 -7.83
N TRP B 114 3.39 9.71 -8.71
CA TRP B 114 3.83 9.16 -9.95
C TRP B 114 5.29 9.35 -10.05
N TYR B 115 6.00 8.34 -10.54
CA TYR B 115 7.45 8.39 -10.67
C TYR B 115 7.88 7.68 -11.95
N SER B 116 9.03 8.06 -12.51
CA SER B 116 9.69 7.20 -13.49
C SER B 116 11.18 7.32 -13.41
N GLY B 117 11.84 6.64 -14.30
CA GLY B 117 13.24 6.84 -14.56
C GLY B 117 13.47 7.78 -15.73
N ARG B 118 14.54 7.53 -16.46
CA ARG B 118 14.83 8.22 -17.70
C ARG B 118 15.23 7.13 -18.69
N PRO B 119 15.10 7.41 -19.99
CA PRO B 119 15.56 6.42 -21.04
C PRO B 119 17.06 5.91 -20.94
N ASP B 120 17.22 4.59 -20.72
CA ASP B 120 18.50 3.80 -20.87
C ASP B 120 19.38 3.48 -19.65
N CYS B 121 19.03 4.08 -18.52
CA CYS B 121 19.70 3.88 -17.22
C CYS B 121 18.76 3.29 -16.15
N GLY B 122 19.35 2.79 -15.07
CA GLY B 122 18.61 2.47 -13.83
C GLY B 122 18.30 3.68 -12.94
N SER B 123 17.04 3.78 -12.51
CA SER B 123 16.68 4.71 -11.47
C SER B 123 16.22 3.95 -10.20
N LYS B 124 16.36 4.61 -9.03
CA LYS B 124 15.81 4.13 -7.78
C LYS B 124 14.96 5.21 -7.16
N TYR B 125 13.87 4.80 -6.52
CA TYR B 125 12.89 5.73 -5.96
C TYR B 125 12.34 5.26 -4.63
N GLN B 126 12.08 6.18 -3.74
CA GLN B 126 11.47 5.79 -2.45
C GLN B 126 10.46 6.85 -1.96
N LEU B 127 9.32 6.36 -1.48
CA LEU B 127 8.22 7.17 -0.99
C LEU B 127 8.01 6.86 0.48
N THR B 128 7.77 7.87 1.29
CA THR B 128 7.54 7.70 2.75
C THR B 128 6.39 8.64 3.06
N VAL B 129 5.30 8.07 3.52
CA VAL B 129 4.15 8.84 3.91
C VAL B 129 3.82 8.49 5.35
N ARG B 130 3.70 9.50 6.19
CA ARG B 130 3.31 9.23 7.59
C ARG B 130 2.08 10.00 8.03
N LEU B 131 1.28 9.34 8.82
CA LEU B 131 0.27 10.03 9.61
C LEU B 131 0.89 10.36 10.97
N LEU B 132 0.77 11.60 11.44
CA LEU B 132 1.42 12.08 12.68
C LEU B 132 0.43 12.67 13.70
N SER B 133 0.67 12.43 15.01
CA SER B 133 -0.15 13.05 16.08
C SER B 133 0.19 14.52 16.18
N GLU B 134 -0.46 15.21 17.11
CA GLU B 134 -0.11 16.56 17.50
C GLU B 134 1.40 16.77 17.85
N ASN B 135 2.03 15.75 18.43
CA ASN B 135 3.47 15.79 18.81
C ASN B 135 4.43 15.12 17.88
N GLU B 136 3.96 14.77 16.68
CA GLU B 136 4.84 14.12 15.67
C GLU B 136 5.13 12.63 15.92
N ASP B 137 4.32 11.96 16.75
CA ASP B 137 4.45 10.52 16.91
C ASP B 137 3.91 9.97 15.63
N VAL B 138 4.62 8.96 15.10
CA VAL B 138 4.21 8.36 13.88
C VAL B 138 3.07 7.40 14.25
N LEU B 139 1.85 7.77 13.89
CA LEU B 139 0.71 6.91 14.17
C LEU B 139 0.49 5.84 13.10
N ALA B 140 0.88 6.12 11.83
CA ALA B 140 0.71 5.15 10.71
C ALA B 140 1.78 5.52 9.75
N GLU B 141 2.36 4.52 9.05
CA GLU B 141 3.41 4.77 8.10
C GLU B 141 3.25 3.87 6.90
N PHE B 142 3.39 4.48 5.73
CA PHE B 142 3.45 3.77 4.45
C PHE B 142 4.83 4.08 3.84
N GLN B 143 5.72 3.10 3.98
CA GLN B 143 7.04 3.21 3.43
C GLN B 143 7.38 1.92 2.67
N PRO B 144 6.87 1.80 1.46
CA PRO B 144 7.08 0.57 0.71
C PRO B 144 8.56 0.40 0.41
N ASP B 145 9.04 -0.83 0.17
CA ASP B 145 10.44 -0.95 -0.25
C ASP B 145 10.81 -0.02 -1.45
N PRO B 146 12.11 0.18 -1.66
CA PRO B 146 12.54 0.97 -2.81
C PRO B 146 12.06 0.40 -4.14
N ALA B 147 11.68 1.26 -5.08
CA ALA B 147 11.45 0.84 -6.45
C ALA B 147 12.77 0.94 -7.20
N THR B 148 13.14 -0.19 -7.80
CA THR B 148 14.19 -0.27 -8.81
C THR B 148 13.59 -0.19 -10.19
N ILE B 149 13.81 0.95 -10.82
CA ILE B 149 13.34 1.18 -12.16
C ILE B 149 14.42 0.68 -13.14
N GLN B 150 14.25 -0.52 -13.70
CA GLN B 150 15.21 -1.09 -14.70
C GLN B 150 15.41 -0.21 -15.92
N GLN B 151 16.61 -0.25 -16.49
CA GLN B 151 16.89 0.60 -17.67
C GLN B 151 16.12 0.15 -18.90
N LYS B 152 15.78 1.09 -19.79
CA LYS B 152 14.88 0.86 -20.94
C LYS B 152 14.97 2.03 -21.87
N SER B 153 14.63 1.77 -23.11
CA SER B 153 14.55 2.77 -24.19
C SER B 153 13.65 3.96 -23.85
N ASP B 154 12.61 3.71 -23.05
CA ASP B 154 11.64 4.78 -22.71
C ASP B 154 11.63 5.06 -21.18
N ALA B 155 10.68 5.87 -20.70
CA ALA B 155 10.59 6.16 -19.25
C ALA B 155 9.13 6.28 -18.87
N LYS B 156 8.43 5.18 -18.88
CA LYS B 156 6.99 5.20 -18.62
C LYS B 156 6.72 5.59 -17.19
N TRP B 157 5.76 6.46 -16.99
CA TRP B 157 5.35 6.77 -15.63
C TRP B 157 4.69 5.58 -14.99
N ARG B 158 4.88 5.43 -13.67
CA ARG B 158 4.12 4.51 -12.85
C ARG B 158 3.45 5.31 -11.76
N GLU B 159 2.31 4.83 -11.30
CA GLU B 159 1.58 5.44 -10.19
C GLU B 159 1.72 4.51 -9.01
N ILE B 160 1.92 5.12 -7.86
CA ILE B 160 1.84 4.44 -6.60
C ILE B 160 0.73 5.08 -5.74
N SER B 161 0.01 4.20 -5.05
CA SER B 161 -1.20 4.60 -4.34
C SER B 161 -1.42 3.84 -3.01
N HIS B 162 -1.87 4.55 -1.97
CA HIS B 162 -2.16 3.85 -0.70
C HIS B 162 -3.33 4.50 0.00
N THR B 163 -4.20 3.70 0.61
CA THR B 163 -5.31 4.28 1.38
C THR B 163 -5.11 3.93 2.83
N PHE B 164 -5.16 4.94 3.69
CA PHE B 164 -5.16 4.77 5.13
C PHE B 164 -6.61 4.83 5.64
N ILE B 165 -7.10 3.72 6.20
CA ILE B 165 -8.36 3.71 6.96
C ILE B 165 -8.09 3.00 8.31
N ASP B 166 -9.04 3.05 9.24
CA ASP B 166 -8.94 2.34 10.51
C ASP B 166 -7.61 2.62 11.24
N TYR B 167 -7.10 3.85 11.09
CA TYR B 167 -5.76 4.21 11.61
C TYR B 167 -5.71 4.66 13.10
N GLY B 168 -6.87 4.65 13.76
CA GLY B 168 -6.98 5.02 15.17
C GLY B 168 -7.11 6.53 15.37
N PRO B 169 -7.29 6.97 16.61
CA PRO B 169 -7.47 8.40 16.95
C PRO B 169 -6.18 9.20 16.97
N GLY B 170 -6.27 10.52 16.81
CA GLY B 170 -5.10 11.36 17.10
C GLY B 170 -4.31 11.82 15.88
N VAL B 171 -4.76 11.48 14.65
CA VAL B 171 -4.01 11.95 13.47
C VAL B 171 -4.23 13.46 13.22
N ARG B 172 -3.14 14.20 13.02
CA ARG B 172 -3.29 15.61 12.81
C ARG B 172 -2.52 16.16 11.59
N PHE B 173 -1.37 15.55 11.27
CA PHE B 173 -0.55 15.94 10.15
C PHE B 173 -0.27 14.73 9.26
N VAL B 174 0.00 14.99 8.00
CA VAL B 174 0.42 13.97 7.05
C VAL B 174 1.73 14.44 6.44
N ARG B 175 2.76 13.64 6.58
CA ARG B 175 4.03 13.97 5.94
C ARG B 175 4.24 13.08 4.72
N PHE B 176 4.58 13.73 3.63
CA PHE B 176 4.76 13.11 2.35
C PHE B 176 6.19 13.42 1.95
N GLU B 177 7.01 12.38 1.81
CA GLU B 177 8.37 12.56 1.39
C GLU B 177 8.63 11.63 0.20
N HIS B 178 9.43 12.09 -0.77
CA HIS B 178 9.82 11.22 -1.88
C HIS B 178 11.06 11.69 -2.62
N GLY B 179 11.52 10.86 -3.53
CA GLY B 179 12.76 11.08 -4.24
C GLY B 179 13.58 9.83 -4.41
N GLY B 180 14.87 10.01 -4.64
CA GLY B 180 15.79 8.89 -4.78
C GLY B 180 16.13 8.30 -3.43
N VAL B 181 16.91 7.20 -3.44
CA VAL B 181 17.31 6.48 -2.23
C VAL B 181 18.59 7.09 -1.62
N ASP B 182 18.44 7.79 -0.49
CA ASP B 182 19.60 8.33 0.24
C ASP B 182 20.52 7.21 0.79
N THR B 183 21.42 6.75 -0.05
CA THR B 183 22.45 5.85 0.33
C THR B 183 23.79 6.57 0.00
N HIS B 184 24.83 6.28 0.79
CA HIS B 184 26.16 6.87 0.61
C HIS B 184 26.86 6.24 -0.58
N TYR B 185 26.32 5.13 -1.05
CA TYR B 185 26.98 4.30 -2.06
C TYR B 185 26.38 4.37 -3.44
N TRP B 186 27.15 4.98 -4.33
CA TRP B 186 26.86 4.97 -5.75
C TRP B 186 26.97 3.53 -6.26
N ALA B 187 25.91 3.05 -6.92
CA ALA B 187 25.92 1.74 -7.54
C ALA B 187 25.51 1.87 -9.01
N GLY B 188 25.51 3.09 -9.52
CA GLY B 188 25.08 3.30 -10.90
C GLY B 188 23.64 3.78 -11.04
N TRP B 189 22.82 3.46 -10.05
CA TRP B 189 21.39 3.80 -10.08
C TRP B 189 21.11 5.26 -9.85
N TYR B 190 20.60 5.93 -10.89
CA TYR B 190 20.19 7.33 -10.74
C TYR B 190 18.90 7.60 -9.91
N GLY B 191 18.55 8.87 -9.78
CA GLY B 191 17.36 9.24 -9.04
C GLY B 191 16.24 9.28 -10.05
N PRO B 192 14.99 9.43 -9.59
CA PRO B 192 13.81 9.44 -10.43
C PRO B 192 13.28 10.80 -10.87
N ARG B 193 12.22 10.71 -11.66
CA ARG B 193 11.39 11.83 -11.98
C ARG B 193 10.08 11.58 -11.19
N VAL B 194 9.50 12.67 -10.68
CA VAL B 194 8.29 12.61 -9.89
C VAL B 194 7.28 13.71 -10.24
N THR B 195 6.00 13.34 -10.20
CA THR B 195 4.96 14.30 -10.42
C THR B 195 3.56 13.88 -9.98
N ASN B 196 2.64 14.84 -10.04
CA ASN B 196 1.20 14.57 -9.82
C ASN B 196 0.97 13.90 -8.47
N SER B 197 1.77 14.29 -7.47
CA SER B 197 1.69 13.76 -6.10
C SER B 197 0.40 14.21 -5.47
N SER B 198 -0.30 13.35 -4.76
CA SER B 198 -1.43 13.89 -4.03
C SER B 198 -1.70 13.22 -2.69
N VAL B 199 -2.40 13.96 -1.83
CA VAL B 199 -2.95 13.41 -0.62
C VAL B 199 -4.32 14.00 -0.50
N TRP B 200 -5.38 13.19 -0.45
CA TRP B 200 -6.70 13.79 -0.14
C TRP B 200 -7.54 13.04 0.88
N VAL B 201 -8.52 13.70 1.47
CA VAL B 201 -9.38 13.04 2.43
C VAL B 201 -10.69 12.70 1.80
N GLU B 202 -11.09 11.44 1.85
CA GLU B 202 -12.36 10.99 1.26
C GLU B 202 -13.59 11.51 2.01
N PRO B 203 -14.50 12.19 1.29
CA PRO B 203 -15.82 12.58 1.82
C PRO B 203 -16.41 11.45 2.64
#